data_5NM0
#
_entry.id   5NM0
#
_cell.length_a   37.610
_cell.length_b   93.070
_cell.length_c   142.510
_cell.angle_alpha   90.000
_cell.angle_beta   90.000
_cell.angle_gamma   90.000
#
_symmetry.space_group_name_H-M   'P 21 21 21'
#
loop_
_entity.id
_entity.type
_entity.pdbx_description
1 polymer Nb36
2 non-polymer 'MERCURY (II) ION'
3 water water
#
_entity_poly.entity_id   1
_entity_poly.type   'polypeptide(L)'
_entity_poly.pdbx_seq_one_letter_code
;MQVQLVESGGGLVQAGGSLRLSCVVSGSAVSDYAMGWYRQAPGKQRELVAAIYNSGRTNYVDSVKGRFTISKDNAKKTVY
LQMNCLKPEDTADYFCNLLGATTMSNAVWGQGTQVTVSSHHHHHH
;
_entity_poly.pdbx_strand_id   A,B,C,D
#
loop_
_chem_comp.id
_chem_comp.type
_chem_comp.name
_chem_comp.formula
HG non-polymer 'MERCURY (II) ION' 'Hg 2'
#
# COMPACT_ATOMS: atom_id res chain seq x y z
N VAL A 3 -23.93 24.85 -28.12
CA VAL A 3 -24.41 23.56 -28.60
C VAL A 3 -25.93 23.46 -28.42
N GLN A 4 -26.58 22.75 -29.35
CA GLN A 4 -28.01 22.45 -29.29
C GLN A 4 -28.17 20.97 -28.98
N LEU A 5 -28.98 20.64 -27.98
CA LEU A 5 -29.03 19.29 -27.43
C LEU A 5 -30.48 18.87 -27.23
N VAL A 6 -30.81 17.67 -27.68
CA VAL A 6 -32.17 17.12 -27.54
C VAL A 6 -32.07 15.69 -27.03
N GLU A 7 -32.49 15.47 -25.79
CA GLU A 7 -32.51 14.14 -25.19
C GLU A 7 -33.85 13.46 -25.40
N SER A 8 -33.82 12.13 -25.50
CA SER A 8 -35.03 11.34 -25.64
C SER A 8 -34.76 9.94 -25.08
N GLY A 9 -35.84 9.18 -24.90
CA GLY A 9 -35.75 7.78 -24.54
C GLY A 9 -36.12 7.48 -23.10
N GLY A 10 -36.28 8.50 -22.27
CA GLY A 10 -36.66 8.28 -20.89
C GLY A 10 -38.09 7.82 -20.77
N GLY A 11 -38.43 7.38 -19.57
CA GLY A 11 -39.79 6.93 -19.31
C GLY A 11 -39.88 6.21 -17.98
N LEU A 12 -41.05 5.64 -17.76
CA LEU A 12 -41.31 4.81 -16.60
C LEU A 12 -40.89 3.38 -16.92
N VAL A 13 -40.10 2.79 -16.02
CA VAL A 13 -39.66 1.41 -16.18
C VAL A 13 -39.67 0.72 -14.82
N GLN A 14 -39.78 -0.59 -14.86
CA GLN A 14 -39.74 -1.38 -13.63
C GLN A 14 -38.31 -1.65 -13.21
N ALA A 15 -38.12 -1.78 -11.90
CA ALA A 15 -36.82 -2.16 -11.37
C ALA A 15 -36.33 -3.42 -12.08
N GLY A 16 -35.05 -3.42 -12.44
CA GLY A 16 -34.45 -4.51 -13.19
C GLY A 16 -34.54 -4.35 -14.68
N GLY A 17 -35.32 -3.39 -15.17
CA GLY A 17 -35.50 -3.19 -16.60
C GLY A 17 -34.38 -2.37 -17.20
N SER A 18 -34.61 -1.97 -18.45
CA SER A 18 -33.60 -1.30 -19.25
C SER A 18 -34.23 -0.18 -20.06
N LEU A 19 -33.41 0.82 -20.36
CA LEU A 19 -33.76 1.94 -21.21
C LEU A 19 -32.56 2.29 -22.06
N ARG A 20 -32.81 2.89 -23.22
CA ARG A 20 -31.73 3.43 -24.05
C ARG A 20 -32.03 4.90 -24.30
N LEU A 21 -31.19 5.78 -23.78
CA LEU A 21 -31.35 7.22 -23.99
C LEU A 21 -30.53 7.66 -25.20
N SER A 22 -31.05 8.68 -25.88
CA SER A 22 -30.38 9.28 -27.03
C SER A 22 -30.24 10.78 -26.80
N CYS A 23 -29.16 11.34 -27.32
CA CYS A 23 -28.91 12.77 -27.27
CA CYS A 23 -28.90 12.77 -27.26
C CYS A 23 -28.41 13.21 -28.62
N VAL A 24 -29.25 13.94 -29.36
CA VAL A 24 -28.90 14.41 -30.70
C VAL A 24 -28.34 15.82 -30.59
N VAL A 25 -27.15 16.02 -31.15
CA VAL A 25 -26.40 17.25 -30.95
C VAL A 25 -26.23 17.94 -32.30
N SER A 26 -26.42 19.24 -32.30
CA SER A 26 -26.18 20.02 -33.50
C SER A 26 -24.68 20.21 -33.69
N GLY A 27 -24.30 20.59 -34.89
CA GLY A 27 -22.91 20.86 -35.14
C GLY A 27 -22.06 19.60 -34.96
N SER A 28 -20.79 19.83 -34.67
CA SER A 28 -19.79 18.78 -34.61
C SER A 28 -19.31 18.47 -33.20
N ALA A 29 -20.07 18.86 -32.17
CA ALA A 29 -19.60 18.67 -30.80
C ALA A 29 -19.27 17.21 -30.53
N VAL A 30 -20.07 16.28 -31.06
CA VAL A 30 -19.83 14.87 -30.77
C VAL A 30 -18.49 14.43 -31.33
N SER A 31 -18.06 15.02 -32.45
CA SER A 31 -16.77 14.68 -33.05
C SER A 31 -15.62 15.44 -32.43
N ASP A 32 -15.88 16.61 -31.84
CA ASP A 32 -14.82 17.52 -31.43
C ASP A 32 -14.55 17.56 -29.93
N TYR A 33 -15.51 17.17 -29.10
CA TYR A 33 -15.39 17.29 -27.66
C TYR A 33 -15.74 16.00 -26.95
N ALA A 34 -15.11 15.80 -25.80
CA ALA A 34 -15.54 14.72 -24.92
C ALA A 34 -16.92 15.05 -24.40
N MET A 35 -17.79 14.03 -24.35
CA MET A 35 -19.19 14.17 -23.98
C MET A 35 -19.50 13.31 -22.77
N GLY A 36 -20.57 13.68 -22.06
CA GLY A 36 -21.00 12.94 -20.89
C GLY A 36 -22.51 12.91 -20.78
N TRP A 37 -22.97 11.93 -20.02
CA TRP A 37 -24.34 11.92 -19.52
C TRP A 37 -24.34 12.29 -18.06
N TYR A 38 -25.31 13.12 -17.69
CA TYR A 38 -25.49 13.67 -16.35
C TYR A 38 -26.89 13.29 -15.87
N ARG A 39 -27.07 13.26 -14.55
CA ARG A 39 -28.41 13.10 -14.03
C ARG A 39 -28.59 14.00 -12.82
N GLN A 40 -29.84 14.40 -12.61
CA GLN A 40 -30.24 15.32 -11.56
C GLN A 40 -31.39 14.67 -10.83
N ALA A 41 -31.13 14.19 -9.62
CA ALA A 41 -32.12 13.56 -8.77
C ALA A 41 -32.96 14.63 -8.08
N PRO A 42 -34.13 14.26 -7.52
CA PRO A 42 -35.07 15.26 -7.01
C PRO A 42 -34.43 16.48 -6.37
N GLY A 43 -33.76 16.31 -5.23
CA GLY A 43 -33.17 17.43 -4.52
C GLY A 43 -31.66 17.51 -4.65
N LYS A 44 -31.13 17.43 -5.87
CA LYS A 44 -29.70 17.46 -6.10
C LYS A 44 -29.37 18.28 -7.34
N GLN A 45 -28.08 18.50 -7.55
CA GLN A 45 -27.57 19.16 -8.73
C GLN A 45 -27.17 18.13 -9.79
N ARG A 46 -26.94 18.59 -11.02
CA ARG A 46 -26.55 17.68 -12.08
C ARG A 46 -25.19 17.07 -11.75
N GLU A 47 -25.11 15.75 -11.89
CA GLU A 47 -23.87 15.03 -11.64
C GLU A 47 -23.51 14.16 -12.84
N LEU A 48 -22.24 14.19 -13.22
CA LEU A 48 -21.75 13.36 -14.31
C LEU A 48 -21.77 11.90 -13.91
N VAL A 49 -22.37 11.05 -14.74
CA VAL A 49 -22.38 9.61 -14.48
C VAL A 49 -21.61 8.80 -15.51
N ALA A 50 -21.42 9.31 -16.73
CA ALA A 50 -20.72 8.54 -17.76
C ALA A 50 -20.05 9.50 -18.73
N ALA A 51 -18.82 9.16 -19.14
CA ALA A 51 -18.02 10.01 -19.99
C ALA A 51 -17.46 9.22 -21.15
N ILE A 52 -17.42 9.83 -22.33
CA ILE A 52 -16.80 9.22 -23.50
C ILE A 52 -15.81 10.21 -24.09
N TYR A 53 -14.58 9.75 -24.25
CA TYR A 53 -13.49 10.61 -24.68
C TYR A 53 -13.25 10.42 -26.17
N ASN A 54 -12.59 11.41 -26.77
CA ASN A 54 -12.48 11.45 -28.23
C ASN A 54 -11.95 10.14 -28.80
N SER A 55 -11.08 9.45 -28.07
CA SER A 55 -10.49 8.19 -28.55
C SER A 55 -11.49 7.04 -28.61
N GLY A 56 -12.63 7.14 -27.92
CA GLY A 56 -13.53 6.02 -27.74
C GLY A 56 -13.45 5.41 -26.34
N ARG A 57 -12.47 5.80 -25.55
CA ARG A 57 -12.38 5.41 -24.15
C ARG A 57 -13.54 5.99 -23.35
N THR A 58 -13.94 5.26 -22.31
CA THR A 58 -15.08 5.62 -21.47
C THR A 58 -14.74 5.46 -20.00
N ASN A 59 -15.49 6.16 -19.15
CA ASN A 59 -15.46 5.91 -17.71
C ASN A 59 -16.83 6.22 -17.12
N TYR A 60 -17.06 5.69 -15.92
CA TYR A 60 -18.36 5.73 -15.27
C TYR A 60 -18.21 6.03 -13.79
N VAL A 61 -19.23 6.68 -13.22
CA VAL A 61 -19.30 6.77 -11.77
C VAL A 61 -19.53 5.36 -11.22
N ASP A 62 -19.02 5.10 -10.01
CA ASP A 62 -19.01 3.72 -9.52
C ASP A 62 -20.42 3.13 -9.48
N SER A 63 -21.41 3.95 -9.15
CA SER A 63 -22.76 3.42 -8.96
C SER A 63 -23.38 2.88 -10.26
N VAL A 64 -22.89 3.27 -11.43
CA VAL A 64 -23.44 2.78 -12.69
C VAL A 64 -22.46 1.91 -13.47
N LYS A 65 -21.22 1.76 -13.00
CA LYS A 65 -20.25 0.99 -13.74
C LYS A 65 -20.70 -0.47 -13.85
N GLY A 66 -20.72 -0.98 -15.08
CA GLY A 66 -21.20 -2.31 -15.35
C GLY A 66 -22.66 -2.37 -15.71
N ARG A 67 -23.42 -1.34 -15.38
CA ARG A 67 -24.85 -1.28 -15.66
C ARG A 67 -25.18 -0.37 -16.81
N PHE A 68 -24.51 0.78 -16.93
CA PHE A 68 -24.74 1.74 -18.00
C PHE A 68 -23.56 1.70 -18.98
N THR A 69 -23.87 1.90 -20.26
CA THR A 69 -22.84 1.99 -21.29
C THR A 69 -23.07 3.24 -22.12
N ILE A 70 -22.04 4.08 -22.23
CA ILE A 70 -22.10 5.28 -23.07
C ILE A 70 -21.40 4.98 -24.39
N SER A 71 -22.00 5.47 -25.48
CA SER A 71 -21.46 5.29 -26.82
C SER A 71 -21.87 6.49 -27.67
N LYS A 72 -21.32 6.56 -28.89
CA LYS A 72 -21.67 7.66 -29.78
C LYS A 72 -21.58 7.21 -31.23
N ASP A 73 -22.30 7.93 -32.09
CA ASP A 73 -22.25 7.74 -33.54
C ASP A 73 -21.98 9.10 -34.15
N ASN A 74 -20.75 9.29 -34.66
CA ASN A 74 -20.38 10.59 -35.21
C ASN A 74 -21.28 10.99 -36.37
N ALA A 75 -21.59 10.04 -37.26
CA ALA A 75 -22.39 10.38 -38.43
C ALA A 75 -23.78 10.88 -38.04
N LYS A 76 -24.39 10.27 -37.04
CA LYS A 76 -25.72 10.69 -36.59
C LYS A 76 -25.67 11.78 -35.54
N LYS A 77 -24.46 12.23 -35.16
CA LYS A 77 -24.31 13.31 -34.18
C LYS A 77 -25.07 12.99 -32.89
N THR A 78 -25.03 11.73 -32.46
CA THR A 78 -25.83 11.26 -31.34
C THR A 78 -24.96 10.55 -30.31
N VAL A 79 -25.25 10.83 -29.03
CA VAL A 79 -24.65 10.12 -27.90
C VAL A 79 -25.74 9.27 -27.27
N TYR A 80 -25.40 8.03 -26.90
CA TYR A 80 -26.34 7.07 -26.34
C TYR A 80 -25.95 6.68 -24.93
N LEU A 81 -26.96 6.38 -24.11
CA LEU A 81 -26.75 5.77 -22.79
C LEU A 81 -27.63 4.55 -22.67
N GLN A 82 -27.02 3.37 -22.74
CA GLN A 82 -27.74 2.12 -22.51
C GLN A 82 -27.77 1.88 -21.00
N MET A 83 -28.97 1.78 -20.44
CA MET A 83 -29.16 1.68 -19.00
C MET A 83 -29.77 0.33 -18.69
N ASN A 84 -28.99 -0.55 -18.10
CA ASN A 84 -29.45 -1.86 -17.66
C ASN A 84 -29.52 -1.92 -16.14
N CYS A 85 -30.22 -2.93 -15.64
CA CYS A 85 -30.22 -3.23 -14.21
C CYS A 85 -30.70 -2.02 -13.40
N LEU A 86 -31.76 -1.39 -13.86
CA LEU A 86 -32.21 -0.15 -13.26
C LEU A 86 -32.77 -0.38 -11.86
N LYS A 87 -32.56 0.60 -10.99
CA LYS A 87 -33.04 0.56 -9.62
C LYS A 87 -33.76 1.87 -9.32
N PRO A 88 -34.63 1.89 -8.32
CA PRO A 88 -35.33 3.15 -7.99
C PRO A 88 -34.42 4.35 -7.79
N GLU A 89 -33.22 4.13 -7.25
CA GLU A 89 -32.26 5.21 -7.02
C GLU A 89 -31.78 5.84 -8.33
N ASP A 90 -32.04 5.23 -9.47
CA ASP A 90 -31.68 5.82 -10.76
C ASP A 90 -32.71 6.83 -11.25
N THR A 91 -33.84 6.97 -10.56
CA THR A 91 -34.84 7.96 -10.94
C THR A 91 -34.22 9.35 -10.92
N ALA A 92 -34.34 10.07 -12.03
CA ALA A 92 -33.70 11.37 -12.21
C ALA A 92 -34.00 11.88 -13.61
N ASP A 93 -33.73 13.17 -13.80
CA ASP A 93 -33.72 13.80 -15.12
C ASP A 93 -32.33 13.67 -15.71
N TYR A 94 -32.23 13.11 -16.92
CA TYR A 94 -30.94 12.82 -17.53
C TYR A 94 -30.65 13.78 -18.68
N PHE A 95 -29.41 14.28 -18.72
CA PHE A 95 -28.96 15.26 -19.68
C PHE A 95 -27.63 14.82 -20.29
N CYS A 96 -27.39 15.19 -21.55
CA CYS A 96 -26.07 15.00 -22.11
CA CYS A 96 -26.09 15.01 -22.16
C CYS A 96 -25.45 16.37 -22.41
N ASN A 97 -24.12 16.41 -22.41
CA ASN A 97 -23.45 17.67 -22.64
C ASN A 97 -21.96 17.44 -22.85
N LEU A 98 -21.29 18.52 -23.25
CA LEU A 98 -19.84 18.59 -23.22
C LEU A 98 -19.34 18.37 -21.79
N LEU A 99 -18.28 17.58 -21.63
CA LEU A 99 -17.68 17.48 -20.31
C LEU A 99 -17.25 18.86 -19.82
N GLY A 100 -17.48 19.10 -18.53
CA GLY A 100 -17.22 20.38 -17.91
C GLY A 100 -18.40 21.33 -17.92
N ALA A 101 -19.54 20.93 -18.51
CA ALA A 101 -20.64 21.87 -18.69
C ALA A 101 -21.23 22.37 -17.38
N THR A 102 -20.99 21.69 -16.26
CA THR A 102 -21.59 22.17 -15.02
C THR A 102 -20.90 23.42 -14.50
N THR A 103 -19.67 23.72 -14.95
CA THR A 103 -18.96 24.92 -14.51
C THR A 103 -18.50 25.82 -15.63
N MET A 104 -18.37 25.33 -16.88
CA MET A 104 -17.74 26.12 -17.93
C MET A 104 -18.68 27.20 -18.46
N SER A 105 -18.07 28.31 -18.88
CA SER A 105 -18.84 29.49 -19.24
C SER A 105 -19.66 29.25 -20.50
N ASN A 106 -20.84 29.87 -20.52
CA ASN A 106 -21.76 29.83 -21.66
C ASN A 106 -22.26 28.43 -21.97
N ALA A 107 -22.28 27.54 -20.97
CA ALA A 107 -22.86 26.22 -21.18
C ALA A 107 -24.36 26.32 -21.40
N VAL A 108 -24.88 25.40 -22.21
CA VAL A 108 -26.30 25.31 -22.52
C VAL A 108 -26.76 23.89 -22.27
N TRP A 109 -27.94 23.73 -21.69
CA TRP A 109 -28.51 22.43 -21.39
C TRP A 109 -29.80 22.24 -22.17
N GLY A 110 -30.04 21.01 -22.59
CA GLY A 110 -31.32 20.63 -23.15
C GLY A 110 -32.37 20.47 -22.10
N GLN A 111 -33.55 20.02 -22.54
CA GLN A 111 -34.65 19.80 -21.63
C GLN A 111 -34.43 18.59 -20.75
N GLY A 112 -33.54 17.68 -21.15
CA GLY A 112 -33.33 16.44 -20.45
C GLY A 112 -34.42 15.44 -20.78
N THR A 113 -34.24 14.21 -20.30
CA THR A 113 -35.25 13.17 -20.44
C THR A 113 -35.41 12.48 -19.09
N GLN A 114 -36.65 12.38 -18.62
CA GLN A 114 -36.96 11.88 -17.30
C GLN A 114 -36.97 10.36 -17.28
N VAL A 115 -36.30 9.78 -16.28
CA VAL A 115 -36.29 8.34 -16.04
C VAL A 115 -36.90 8.10 -14.67
N THR A 116 -37.92 7.25 -14.61
CA THR A 116 -38.55 6.91 -13.35
C THR A 116 -38.57 5.39 -13.22
N VAL A 117 -37.99 4.88 -12.15
CA VAL A 117 -37.87 3.44 -11.92
C VAL A 117 -38.73 3.07 -10.72
N SER A 118 -39.76 2.25 -10.96
CA SER A 118 -40.68 1.82 -9.93
C SER A 118 -40.22 0.50 -9.33
N SER A 119 -40.66 0.24 -8.11
CA SER A 119 -40.35 -1.02 -7.44
C SER A 119 -41.57 -1.94 -7.43
N GLN B 2 33.48 23.54 19.50
CA GLN B 2 33.84 22.31 18.81
C GLN B 2 34.25 21.23 19.79
N VAL B 3 33.70 20.04 19.60
CA VAL B 3 33.86 18.95 20.56
C VAL B 3 35.20 18.26 20.37
N GLN B 4 35.72 17.72 21.46
CA GLN B 4 36.91 16.87 21.46
C GLN B 4 36.46 15.44 21.74
N LEU B 5 36.91 14.49 20.93
CA LEU B 5 36.39 13.12 20.91
C LEU B 5 37.55 12.14 20.87
N VAL B 6 37.49 11.11 21.71
CA VAL B 6 38.53 10.08 21.77
C VAL B 6 37.89 8.70 21.80
N GLU B 7 38.06 7.95 20.71
CA GLU B 7 37.53 6.59 20.60
C GLU B 7 38.56 5.57 21.04
N SER B 8 38.07 4.45 21.56
CA SER B 8 38.92 3.34 21.97
C SER B 8 38.12 2.04 21.93
N GLY B 9 38.85 0.93 22.02
CA GLY B 9 38.25 -0.39 22.16
C GLY B 9 38.33 -1.28 20.94
N GLY B 10 38.77 -0.78 19.80
CA GLY B 10 38.84 -1.60 18.62
C GLY B 10 39.95 -2.63 18.71
N GLY B 11 39.90 -3.56 17.76
CA GLY B 11 40.89 -4.62 17.68
C GLY B 11 40.49 -5.64 16.63
N LEU B 12 41.30 -6.70 16.57
CA LEU B 12 41.06 -7.82 15.68
C LEU B 12 40.27 -8.90 16.41
N VAL B 13 39.18 -9.37 15.81
CA VAL B 13 38.34 -10.41 16.38
C VAL B 13 37.91 -11.36 15.28
N GLN B 14 37.55 -12.57 15.70
CA GLN B 14 37.02 -13.57 14.78
C GLN B 14 35.55 -13.33 14.50
N ALA B 15 35.12 -13.71 13.31
CA ALA B 15 33.70 -13.64 12.96
C ALA B 15 32.87 -14.32 14.04
N GLY B 16 31.76 -13.67 14.40
CA GLY B 16 30.92 -14.13 15.48
C GLY B 16 31.27 -13.58 16.84
N GLY B 17 32.42 -12.92 16.97
CA GLY B 17 32.85 -12.38 18.25
C GLY B 17 32.23 -11.04 18.55
N SER B 18 32.75 -10.42 19.61
CA SER B 18 32.18 -9.18 20.15
C SER B 18 33.29 -8.24 20.57
N LEU B 19 32.98 -6.94 20.50
CA LEU B 19 33.83 -5.85 20.94
C LEU B 19 32.95 -4.77 21.55
N ARG B 20 33.53 -4.00 22.47
CA ARG B 20 32.85 -2.85 23.05
C ARG B 20 33.70 -1.61 22.83
N LEU B 21 33.18 -0.66 22.05
CA LEU B 21 33.86 0.60 21.77
C LEU B 21 33.39 1.67 22.75
N SER B 22 34.31 2.59 23.07
CA SER B 22 34.04 3.72 23.95
C SER B 22 34.46 5.01 23.25
N CYS B 23 33.74 6.09 23.56
CA CYS B 23 34.05 7.40 23.01
CA CYS B 23 34.10 7.41 23.04
C CYS B 23 33.90 8.43 24.14
N VAL B 24 35.01 9.05 24.55
CA VAL B 24 35.01 10.05 25.61
C VAL B 24 34.89 11.43 24.97
N VAL B 25 33.92 12.22 25.44
CA VAL B 25 33.52 13.45 24.79
C VAL B 25 33.71 14.61 25.77
N SER B 26 34.24 15.73 25.26
CA SER B 26 34.53 16.87 26.10
C SER B 26 33.27 17.64 26.48
N GLY B 27 33.38 18.43 27.55
CA GLY B 27 32.29 19.29 27.91
C GLY B 27 31.05 18.49 28.26
N SER B 28 29.89 19.10 27.96
CA SER B 28 28.61 18.53 28.27
C SER B 28 27.92 18.00 27.01
N ALA B 29 28.69 17.76 25.96
CA ALA B 29 28.12 17.34 24.67
C ALA B 29 27.29 16.07 24.83
N VAL B 30 27.75 15.10 25.64
CA VAL B 30 27.03 13.84 25.77
C VAL B 30 25.64 14.08 26.34
N SER B 31 25.51 15.08 27.21
CA SER B 31 24.23 15.44 27.82
C SER B 31 23.40 16.39 26.95
N ASP B 32 24.03 17.14 26.05
CA ASP B 32 23.38 18.24 25.34
C ASP B 32 22.99 17.92 23.90
N TYR B 33 23.60 16.93 23.27
CA TYR B 33 23.35 16.64 21.87
C TYR B 33 23.07 15.16 21.66
N ALA B 34 22.22 14.89 20.67
CA ALA B 34 22.09 13.51 20.21
C ALA B 34 23.42 13.09 19.59
N MET B 35 23.85 11.87 19.88
CA MET B 35 25.14 11.35 19.46
C MET B 35 24.98 10.10 18.59
N GLY B 36 26.01 9.81 17.81
CA GLY B 36 26.00 8.63 16.97
C GLY B 36 27.36 7.98 16.87
N TRP B 37 27.34 6.71 16.49
CA TRP B 37 28.52 6.00 16.03
C TRP B 37 28.46 5.87 14.52
N TYR B 38 29.60 6.12 13.90
CA TYR B 38 29.81 6.13 12.46
C TYR B 38 30.91 5.12 12.13
N ARG B 39 30.90 4.62 10.91
CA ARG B 39 32.04 3.83 10.48
C ARG B 39 32.38 4.15 9.04
N GLN B 40 33.66 3.98 8.74
CA GLN B 40 34.22 4.27 7.43
C GLN B 40 35.03 3.05 7.00
N ALA B 41 34.49 2.31 6.05
CA ALA B 41 35.15 1.14 5.49
C ALA B 41 36.19 1.60 4.47
N PRO B 42 37.15 0.70 4.12
CA PRO B 42 38.32 1.12 3.35
C PRO B 42 38.07 2.22 2.32
N GLY B 43 37.30 1.93 1.28
CA GLY B 43 37.09 2.90 0.23
C GLY B 43 35.71 3.53 0.24
N LYS B 44 35.27 4.00 1.42
CA LYS B 44 33.95 4.58 1.57
C LYS B 44 34.03 5.81 2.45
N GLN B 45 32.91 6.54 2.53
CA GLN B 45 32.79 7.69 3.42
C GLN B 45 32.14 7.28 4.74
N ARG B 46 32.26 8.16 5.74
CA ARG B 46 31.70 7.86 7.05
C ARG B 46 30.18 7.77 6.96
N GLU B 47 29.62 6.70 7.53
CA GLU B 47 28.19 6.46 7.55
C GLU B 47 27.72 6.21 8.98
N LEU B 48 26.60 6.83 9.34
CA LEU B 48 26.00 6.61 10.66
C LEU B 48 25.45 5.20 10.77
N VAL B 49 25.79 4.50 11.86
CA VAL B 49 25.27 3.16 12.09
C VAL B 49 24.37 3.08 13.33
N ALA B 50 24.51 3.97 14.30
CA ALA B 50 23.73 3.91 15.52
C ALA B 50 23.59 5.31 16.10
N ALA B 51 22.41 5.61 16.61
CA ALA B 51 22.08 6.93 17.12
C ALA B 51 21.44 6.79 18.50
N ILE B 52 21.79 7.71 19.40
CA ILE B 52 21.15 7.78 20.71
C ILE B 52 20.66 9.20 20.93
N TYR B 53 19.38 9.33 21.23
CA TYR B 53 18.74 10.63 21.35
C TYR B 53 18.62 11.02 22.81
N ASN B 54 18.55 12.33 23.05
CA ASN B 54 18.56 12.86 24.42
C ASN B 54 17.38 12.31 25.21
N SER B 55 17.45 11.04 25.62
CA SER B 55 16.38 10.41 26.37
C SER B 55 16.67 8.93 26.65
N GLY B 56 17.58 8.34 25.89
CA GLY B 56 17.81 6.92 25.91
C GLY B 56 17.21 6.19 24.72
N ARG B 57 16.37 6.86 23.94
CA ARG B 57 15.84 6.29 22.71
C ARG B 57 16.98 6.11 21.71
N THR B 58 16.92 5.02 20.95
CA THR B 58 17.99 4.65 20.02
C THR B 58 17.42 4.20 18.69
N ASN B 59 18.25 4.25 17.65
CA ASN B 59 17.95 3.60 16.39
C ASN B 59 19.26 3.17 15.74
N TYR B 60 19.14 2.26 14.77
CA TYR B 60 20.26 1.58 14.14
C TYR B 60 20.02 1.45 12.65
N VAL B 61 21.10 1.43 11.88
CA VAL B 61 20.99 1.02 10.48
C VAL B 61 20.60 -0.45 10.45
N ASP B 62 19.85 -0.84 9.42
CA ASP B 62 19.25 -2.18 9.42
C ASP B 62 20.32 -3.26 9.55
N SER B 63 21.49 -3.07 8.94
CA SER B 63 22.51 -4.10 8.92
C SER B 63 23.09 -4.40 10.31
N VAL B 64 22.95 -3.49 11.28
CA VAL B 64 23.46 -3.75 12.63
C VAL B 64 22.35 -3.90 13.66
N LYS B 65 21.09 -3.72 13.27
CA LYS B 65 20.00 -3.80 14.24
C LYS B 65 19.92 -5.21 14.82
N GLY B 66 19.91 -5.29 16.14
CA GLY B 66 19.91 -6.56 16.84
C GLY B 66 21.29 -7.07 17.19
N ARG B 67 22.32 -6.53 16.55
CA ARG B 67 23.70 -6.93 16.78
C ARG B 67 24.50 -5.91 17.59
N PHE B 68 24.29 -4.61 17.32
CA PHE B 68 24.98 -3.54 18.02
C PHE B 68 24.01 -2.83 18.96
N THR B 69 24.53 -2.34 20.09
CA THR B 69 23.75 -1.55 21.03
C THR B 69 24.53 -0.27 21.39
N ILE B 70 23.89 0.89 21.20
CA ILE B 70 24.49 2.17 21.60
C ILE B 70 23.91 2.58 22.94
N SER B 71 24.77 3.11 23.80
CA SER B 71 24.38 3.59 25.12
C SER B 71 25.32 4.73 25.50
N LYS B 72 25.01 5.40 26.60
CA LYS B 72 25.87 6.49 27.07
C LYS B 72 25.79 6.59 28.58
N ASP B 73 26.84 7.18 29.15
CA ASP B 73 26.94 7.46 30.58
C ASP B 73 27.30 8.93 30.74
N ASN B 74 26.33 9.75 31.16
CA ASN B 74 26.56 11.19 31.26
C ASN B 74 27.69 11.51 32.23
N ALA B 75 27.69 10.87 33.41
CA ALA B 75 28.71 11.18 34.40
C ALA B 75 30.11 10.92 33.87
N LYS B 76 30.29 9.85 33.10
CA LYS B 76 31.57 9.50 32.51
C LYS B 76 31.81 10.17 31.17
N LYS B 77 30.84 10.95 30.68
CA LYS B 77 30.98 11.66 29.41
C LYS B 77 31.37 10.71 28.28
N THR B 78 30.77 9.52 28.28
CA THR B 78 31.16 8.46 27.36
C THR B 78 29.96 7.88 26.63
N VAL B 79 30.14 7.62 25.33
CA VAL B 79 29.19 6.90 24.49
C VAL B 79 29.79 5.54 24.17
N TYR B 80 28.99 4.49 24.26
CA TYR B 80 29.45 3.13 24.05
C TYR B 80 28.78 2.49 22.84
N LEU B 81 29.50 1.59 22.18
CA LEU B 81 28.94 0.73 21.13
C LEU B 81 29.31 -0.71 21.45
N GLN B 82 28.33 -1.48 21.91
CA GLN B 82 28.51 -2.91 22.10
C GLN B 82 28.26 -3.60 20.77
N MET B 83 29.25 -4.33 20.26
CA MET B 83 29.19 -4.92 18.93
C MET B 83 29.21 -6.44 19.09
N ASN B 84 28.08 -7.08 18.84
CA ASN B 84 27.98 -8.53 18.88
C ASN B 84 27.80 -9.06 17.46
N CYS B 85 28.02 -10.36 17.31
CA CYS B 85 27.72 -11.06 16.05
C CYS B 85 28.49 -10.44 14.89
N LEU B 86 29.76 -10.13 15.13
CA LEU B 86 30.56 -9.42 14.16
C LEU B 86 30.82 -10.28 12.93
N LYS B 87 30.87 -9.62 11.78
CA LYS B 87 31.16 -10.25 10.51
C LYS B 87 32.25 -9.47 9.79
N PRO B 88 32.95 -10.10 8.84
CA PRO B 88 34.00 -9.38 8.10
C PRO B 88 33.55 -8.05 7.52
N GLU B 89 32.29 -7.95 7.08
CA GLU B 89 31.78 -6.72 6.52
C GLU B 89 31.76 -5.56 7.52
N ASP B 90 31.92 -5.83 8.82
CA ASP B 90 31.97 -4.79 9.83
C ASP B 90 33.36 -4.17 9.96
N THR B 91 34.35 -4.70 9.26
CA THR B 91 35.69 -4.13 9.30
C THR B 91 35.66 -2.68 8.83
N ALA B 92 36.16 -1.77 9.66
CA ALA B 92 36.07 -0.34 9.37
C ALA B 92 36.72 0.43 10.52
N ASP B 93 36.95 1.72 10.26
CA ASP B 93 37.33 2.68 11.30
C ASP B 93 36.06 3.28 11.88
N TYR B 94 35.91 3.21 13.20
CA TYR B 94 34.69 3.63 13.88
C TYR B 94 34.92 4.95 14.62
N PHE B 95 33.96 5.85 14.49
CA PHE B 95 34.01 7.18 15.06
C PHE B 95 32.71 7.51 15.78
N CYS B 96 32.77 8.35 16.82
CA CYS B 96 31.55 8.88 17.40
CA CYS B 96 31.58 8.89 17.45
C CYS B 96 31.52 10.40 17.20
N ASN B 97 30.30 10.94 17.19
CA ASN B 97 30.17 12.37 16.99
C ASN B 97 28.74 12.81 17.27
N LEU B 98 28.55 14.13 17.32
CA LEU B 98 27.22 14.71 17.29
C LEU B 98 26.50 14.27 16.01
N LEU B 99 25.22 13.91 16.13
CA LEU B 99 24.46 13.64 14.93
C LEU B 99 24.48 14.85 14.01
N GLY B 100 24.60 14.58 12.71
CA GLY B 100 24.73 15.60 11.70
C GLY B 100 26.15 15.97 11.35
N ALA B 101 27.15 15.38 12.02
CA ALA B 101 28.53 15.82 11.87
C ALA B 101 29.06 15.62 10.45
N THR B 102 28.42 14.79 9.62
CA THR B 102 28.98 14.59 8.30
C THR B 102 28.68 15.77 7.38
N THR B 103 27.74 16.65 7.73
CA THR B 103 27.47 17.83 6.92
C THR B 103 27.49 19.16 7.68
N MET B 104 27.33 19.15 9.00
CA MET B 104 27.20 20.41 9.74
C MET B 104 28.52 21.17 9.80
N SER B 105 28.43 22.49 9.87
CA SER B 105 29.60 23.34 9.78
C SER B 105 30.47 23.18 11.03
N ASN B 106 31.79 23.31 10.82
CA ASN B 106 32.79 23.30 11.90
C ASN B 106 32.79 21.98 12.67
N ALA B 107 32.39 20.89 12.03
CA ALA B 107 32.51 19.59 12.65
C ALA B 107 33.97 19.18 12.81
N VAL B 108 34.24 18.40 13.86
CA VAL B 108 35.58 17.89 14.15
C VAL B 108 35.43 16.41 14.43
N TRP B 109 36.39 15.62 13.96
CA TRP B 109 36.40 14.18 14.16
C TRP B 109 37.61 13.77 14.98
N GLY B 110 37.41 12.76 15.83
CA GLY B 110 38.51 12.12 16.52
C GLY B 110 39.27 11.22 15.57
N GLN B 111 40.25 10.51 16.15
CA GLN B 111 41.07 9.62 15.35
C GLN B 111 40.34 8.33 14.97
N GLY B 112 39.27 7.99 15.70
CA GLY B 112 38.56 6.75 15.47
C GLY B 112 39.27 5.57 16.08
N THR B 113 38.60 4.42 16.05
CA THR B 113 39.18 3.17 16.52
C THR B 113 38.92 2.08 15.49
N GLN B 114 39.97 1.36 15.11
CA GLN B 114 39.91 0.38 14.03
C GLN B 114 39.34 -0.94 14.53
N VAL B 115 38.38 -1.47 13.77
CA VAL B 115 37.81 -2.79 14.02
C VAL B 115 38.09 -3.66 12.80
N THR B 116 38.68 -4.83 13.02
CA THR B 116 38.97 -5.79 11.96
C THR B 116 38.38 -7.13 12.36
N VAL B 117 37.56 -7.69 11.47
CA VAL B 117 36.89 -8.97 11.72
C VAL B 117 37.35 -9.96 10.67
N SER B 118 37.98 -11.05 11.12
CA SER B 118 38.49 -12.06 10.20
C SER B 118 37.43 -13.13 9.98
N SER B 119 37.54 -13.81 8.84
CA SER B 119 36.56 -14.81 8.45
C SER B 119 36.65 -16.07 9.31
N VAL C 3 -6.84 -2.30 15.24
CA VAL C 3 -7.80 -1.44 14.55
C VAL C 3 -9.23 -1.93 14.79
N GLN C 4 -10.18 -0.99 14.81
CA GLN C 4 -11.59 -1.28 14.95
C GLN C 4 -12.28 -1.09 13.60
N LEU C 5 -13.11 -2.07 13.23
CA LEU C 5 -13.69 -2.16 11.89
C LEU C 5 -15.16 -2.46 12.04
N VAL C 6 -16.00 -1.71 11.33
CA VAL C 6 -17.46 -1.90 11.37
C VAL C 6 -17.97 -1.87 9.94
N GLU C 7 -18.40 -3.03 9.45
CA GLU C 7 -18.96 -3.16 8.12
C GLU C 7 -20.48 -3.03 8.15
N SER C 8 -21.04 -2.53 7.05
CA SER C 8 -22.48 -2.41 6.89
C SER C 8 -22.81 -2.41 5.39
N GLY C 9 -24.10 -2.57 5.09
CA GLY C 9 -24.59 -2.45 3.74
C GLY C 9 -24.98 -3.75 3.08
N GLY C 10 -24.69 -4.89 3.69
CA GLY C 10 -25.04 -6.16 3.10
C GLY C 10 -26.52 -6.41 3.12
N GLY C 11 -26.92 -7.48 2.44
CA GLY C 11 -28.31 -7.87 2.41
C GLY C 11 -28.54 -8.94 1.36
N LEU C 12 -29.81 -9.27 1.18
CA LEU C 12 -30.24 -10.23 0.17
C LEU C 12 -30.71 -9.47 -1.07
N VAL C 13 -30.19 -9.85 -2.23
CA VAL C 13 -30.58 -9.24 -3.50
C VAL C 13 -30.71 -10.32 -4.55
N GLN C 14 -31.47 -10.00 -5.60
CA GLN C 14 -31.64 -10.88 -6.74
C GLN C 14 -30.44 -10.78 -7.67
N ALA C 15 -30.15 -11.87 -8.37
CA ALA C 15 -29.09 -11.84 -9.36
C ALA C 15 -29.29 -10.66 -10.31
N GLY C 16 -28.19 -9.98 -10.61
CA GLY C 16 -28.22 -8.76 -11.40
C GLY C 16 -28.35 -7.48 -10.59
N GLY C 17 -28.62 -7.57 -9.30
CA GLY C 17 -28.80 -6.40 -8.47
C GLY C 17 -27.47 -5.84 -7.97
N SER C 18 -27.60 -4.88 -7.06
CA SER C 18 -26.44 -4.10 -6.60
C SER C 18 -26.56 -3.80 -5.12
N LEU C 19 -25.39 -3.63 -4.48
CA LEU C 19 -25.27 -3.25 -3.09
C LEU C 19 -24.08 -2.32 -2.95
N ARG C 20 -24.11 -1.46 -1.92
CA ARG C 20 -22.97 -0.63 -1.57
C ARG C 20 -22.59 -0.90 -0.13
N LEU C 21 -21.38 -1.44 0.08
CA LEU C 21 -20.88 -1.72 1.41
C LEU C 21 -20.05 -0.57 1.94
N SER C 22 -20.09 -0.38 3.26
CA SER C 22 -19.31 0.63 3.96
C SER C 22 -18.54 -0.03 5.08
N CYS C 23 -17.34 0.48 5.34
CA CYS C 23 -16.49 0.02 6.43
CA CYS C 23 -16.49 0.03 6.42
C CYS C 23 -15.93 1.25 7.14
N VAL C 24 -16.32 1.45 8.39
CA VAL C 24 -15.86 2.59 9.19
C VAL C 24 -14.71 2.11 10.07
N VAL C 25 -13.58 2.82 9.99
CA VAL C 25 -12.33 2.37 10.59
C VAL C 25 -11.86 3.40 11.61
N SER C 26 -11.36 2.91 12.74
CA SER C 26 -10.80 3.77 13.77
C SER C 26 -9.41 4.26 13.38
N GLY C 27 -8.96 5.31 14.06
CA GLY C 27 -7.61 5.80 13.87
C GLY C 27 -7.35 6.35 12.48
N SER C 28 -6.09 6.24 12.06
CA SER C 28 -5.62 6.82 10.79
C SER C 28 -5.38 5.75 9.74
N ALA C 29 -5.96 4.56 9.92
CA ALA C 29 -5.71 3.46 8.99
C ALA C 29 -6.08 3.82 7.56
N VAL C 30 -7.24 4.48 7.37
CA VAL C 30 -7.72 4.76 6.02
C VAL C 30 -6.79 5.74 5.30
N SER C 31 -6.23 6.69 6.04
CA SER C 31 -5.39 7.71 5.41
C SER C 31 -3.94 7.28 5.26
N ASP C 32 -3.44 6.40 6.11
CA ASP C 32 -2.02 6.09 6.17
C ASP C 32 -1.65 4.72 5.62
N TYR C 33 -2.58 3.79 5.55
CA TYR C 33 -2.32 2.41 5.18
C TYR C 33 -3.28 1.94 4.11
N ALA C 34 -2.84 0.95 3.33
CA ALA C 34 -3.69 0.31 2.34
C ALA C 34 -4.79 -0.52 2.99
N MET C 35 -5.98 -0.43 2.40
CA MET C 35 -7.16 -1.15 2.88
C MET C 35 -7.66 -2.10 1.81
N GLY C 36 -8.34 -3.16 2.24
CA GLY C 36 -8.92 -4.10 1.31
C GLY C 36 -10.29 -4.55 1.77
N TRP C 37 -11.08 -4.98 0.79
CA TRP C 37 -12.32 -5.70 1.02
C TRP C 37 -12.08 -7.17 0.70
N TYR C 38 -12.58 -8.02 1.59
CA TYR C 38 -12.42 -9.46 1.54
C TYR C 38 -13.79 -10.11 1.56
N ARG C 39 -13.86 -11.32 1.03
CA ARG C 39 -15.11 -12.05 1.18
C ARG C 39 -14.82 -13.50 1.53
N GLN C 40 -15.74 -14.06 2.30
CA GLN C 40 -15.59 -15.40 2.82
C GLN C 40 -16.87 -16.14 2.47
N ALA C 41 -16.77 -17.02 1.48
CA ALA C 41 -17.90 -17.84 1.08
C ALA C 41 -18.04 -18.97 2.09
N PRO C 42 -19.20 -19.63 2.14
CA PRO C 42 -19.49 -20.55 3.24
C PRO C 42 -18.29 -21.34 3.77
N GLY C 43 -17.75 -22.28 2.99
CA GLY C 43 -16.68 -23.11 3.51
C GLY C 43 -15.31 -22.75 2.99
N LYS C 44 -14.96 -21.46 3.08
CA LYS C 44 -13.69 -20.98 2.55
C LYS C 44 -13.08 -19.98 3.53
N GLN C 45 -11.85 -19.59 3.23
CA GLN C 45 -11.19 -18.54 3.99
C GLN C 45 -11.45 -17.21 3.31
N ARG C 46 -11.15 -16.13 4.03
CA ARG C 46 -11.33 -14.79 3.49
C ARG C 46 -10.43 -14.61 2.28
N GLU C 47 -10.99 -14.06 1.20
CA GLU C 47 -10.24 -13.81 -0.03
C GLU C 47 -10.31 -12.32 -0.32
N LEU C 48 -9.15 -11.73 -0.60
CA LEU C 48 -9.10 -10.33 -1.00
C LEU C 48 -9.69 -10.17 -2.39
N VAL C 49 -10.63 -9.23 -2.55
CA VAL C 49 -11.20 -8.96 -3.86
C VAL C 49 -10.86 -7.57 -4.39
N ALA C 50 -10.61 -6.58 -3.53
CA ALA C 50 -10.33 -5.22 -3.97
C ALA C 50 -9.50 -4.50 -2.91
N ALA C 51 -8.52 -3.71 -3.36
CA ALA C 51 -7.61 -3.00 -2.47
C ALA C 51 -7.46 -1.55 -2.92
N ILE C 52 -7.31 -0.65 -1.95
CA ILE C 52 -7.05 0.76 -2.22
C ILE C 52 -5.87 1.22 -1.38
N TYR C 53 -4.93 1.89 -2.03
CA TYR C 53 -3.69 2.33 -1.42
C TYR C 53 -3.75 3.82 -1.10
N ASN C 54 -2.85 4.27 -0.21
CA ASN C 54 -2.95 5.62 0.33
C ASN C 54 -3.05 6.67 -0.77
N SER C 55 -2.38 6.44 -1.90
CA SER C 55 -2.41 7.40 -3.00
C SER C 55 -3.76 7.48 -3.70
N GLY C 56 -4.63 6.49 -3.53
CA GLY C 56 -5.84 6.37 -4.32
C GLY C 56 -5.78 5.31 -5.40
N ARG C 57 -4.61 4.73 -5.65
CA ARG C 57 -4.51 3.64 -6.60
C ARG C 57 -5.28 2.43 -6.08
N THR C 58 -5.83 1.64 -7.01
CA THR C 58 -6.71 0.52 -6.65
C THR C 58 -6.26 -0.72 -7.40
N ASN C 59 -6.65 -1.88 -6.88
CA ASN C 59 -6.42 -3.16 -7.53
C ASN C 59 -7.61 -4.07 -7.27
N TYR C 60 -7.92 -4.92 -8.26
CA TYR C 60 -9.09 -5.77 -8.23
C TYR C 60 -8.72 -7.16 -8.71
N VAL C 61 -9.34 -8.18 -8.11
CA VAL C 61 -9.27 -9.51 -8.67
C VAL C 61 -10.10 -9.61 -9.95
N ASP C 62 -9.71 -10.51 -10.85
CA ASP C 62 -10.33 -10.59 -12.16
C ASP C 62 -11.84 -10.80 -12.07
N SER C 63 -12.30 -11.59 -11.09
CA SER C 63 -13.72 -11.96 -11.03
C SER C 63 -14.64 -10.79 -10.73
N VAL C 64 -14.13 -9.67 -10.21
CA VAL C 64 -14.95 -8.50 -9.90
C VAL C 64 -14.60 -7.31 -10.76
N LYS C 65 -13.57 -7.42 -11.59
CA LYS C 65 -13.16 -6.27 -12.39
C LYS C 65 -14.27 -5.89 -13.36
N GLY C 66 -14.57 -4.59 -13.39
CA GLY C 66 -15.61 -4.06 -14.24
C GLY C 66 -16.97 -3.90 -13.56
N ARG C 67 -17.20 -4.57 -12.45
CA ARG C 67 -18.44 -4.55 -11.69
C ARG C 67 -18.32 -3.87 -10.32
N PHE C 68 -17.20 -4.09 -9.64
CA PHE C 68 -16.99 -3.58 -8.29
C PHE C 68 -16.01 -2.41 -8.32
N THR C 69 -16.25 -1.42 -7.46
CA THR C 69 -15.35 -0.28 -7.29
C THR C 69 -15.09 -0.06 -5.81
N ILE C 70 -13.81 0.02 -5.44
CA ILE C 70 -13.43 0.36 -4.07
C ILE C 70 -13.05 1.82 -4.03
N SER C 71 -13.48 2.51 -2.97
CA SER C 71 -13.18 3.92 -2.80
C SER C 71 -13.08 4.21 -1.31
N LYS C 72 -12.64 5.42 -0.98
CA LYS C 72 -12.52 5.79 0.42
C LYS C 72 -12.72 7.29 0.60
N ASP C 73 -13.09 7.64 1.83
CA ASP C 73 -13.24 9.02 2.28
C ASP C 73 -12.40 9.15 3.54
N ASN C 74 -11.23 9.80 3.42
CA ASN C 74 -10.32 9.91 4.56
C ASN C 74 -11.00 10.62 5.73
N ALA C 75 -11.68 11.74 5.45
CA ALA C 75 -12.30 12.51 6.52
C ALA C 75 -13.31 11.69 7.30
N LYS C 76 -14.07 10.83 6.60
CA LYS C 76 -15.07 9.98 7.22
C LYS C 76 -14.51 8.66 7.71
N LYS C 77 -13.21 8.41 7.51
CA LYS C 77 -12.57 7.16 7.95
C LYS C 77 -13.32 5.95 7.42
N THR C 78 -13.79 6.03 6.17
CA THR C 78 -14.66 5.01 5.60
C THR C 78 -14.13 4.51 4.27
N VAL C 79 -14.21 3.20 4.08
CA VAL C 79 -13.92 2.54 2.81
C VAL C 79 -15.22 1.96 2.27
N TYR C 80 -15.45 2.13 0.96
CA TYR C 80 -16.68 1.70 0.32
C TYR C 80 -16.39 0.62 -0.70
N LEU C 81 -17.34 -0.30 -0.87
CA LEU C 81 -17.31 -1.27 -1.97
C LEU C 81 -18.65 -1.20 -2.71
N GLN C 82 -18.62 -0.60 -3.89
CA GLN C 82 -19.80 -0.57 -4.75
C GLN C 82 -19.82 -1.88 -5.55
N MET C 83 -20.91 -2.64 -5.43
CA MET C 83 -21.01 -3.97 -6.01
C MET C 83 -22.19 -3.97 -7.00
N ASN C 84 -21.90 -3.95 -8.30
CA ASN C 84 -22.94 -3.99 -9.30
C ASN C 84 -22.97 -5.35 -10.00
N CYS C 85 -24.09 -5.64 -10.65
CA CYS C 85 -24.22 -6.82 -11.49
C CYS C 85 -23.91 -8.09 -10.69
N LEU C 86 -24.50 -8.18 -9.51
CA LEU C 86 -24.18 -9.27 -8.61
C LEU C 86 -24.65 -10.61 -9.17
N LYS C 87 -23.88 -11.65 -8.85
CA LYS C 87 -24.11 -13.01 -9.28
C LYS C 87 -24.17 -13.92 -8.07
N PRO C 88 -24.81 -15.09 -8.20
CA PRO C 88 -24.82 -16.03 -7.07
C PRO C 88 -23.43 -16.32 -6.53
N GLU C 89 -22.42 -16.34 -7.39
CA GLU C 89 -21.05 -16.61 -6.96
C GLU C 89 -20.52 -15.55 -6.00
N ASP C 90 -21.17 -14.39 -5.91
CA ASP C 90 -20.75 -13.33 -5.01
C ASP C 90 -21.29 -13.49 -3.59
N THR C 91 -22.15 -14.47 -3.35
CA THR C 91 -22.66 -14.71 -2.01
C THR C 91 -21.51 -15.03 -1.05
N ALA C 92 -21.44 -14.29 0.05
CA ALA C 92 -20.32 -14.41 0.99
C ALA C 92 -20.51 -13.39 2.12
N ASP C 93 -19.73 -13.59 3.19
CA ASP C 93 -19.59 -12.63 4.26
C ASP C 93 -18.42 -11.70 3.90
N TYR C 94 -18.68 -10.39 3.89
CA TYR C 94 -17.70 -9.41 3.43
C TYR C 94 -17.10 -8.64 4.60
N PHE C 95 -15.78 -8.45 4.55
CA PHE C 95 -15.01 -7.80 5.60
C PHE C 95 -14.05 -6.81 4.98
N CYS C 96 -13.72 -5.77 5.72
CA CYS C 96 -12.62 -4.90 5.33
CA CYS C 96 -12.65 -4.85 5.36
C CYS C 96 -11.55 -4.93 6.40
N ASN C 97 -10.32 -4.65 5.99
CA ASN C 97 -9.18 -4.65 6.91
C ASN C 97 -7.99 -3.94 6.27
N LEU C 98 -7.01 -3.61 7.11
CA LEU C 98 -5.69 -3.26 6.64
C LEU C 98 -5.06 -4.43 5.92
N LEU C 99 -4.46 -4.17 4.76
CA LEU C 99 -3.64 -5.19 4.13
C LEU C 99 -2.47 -5.50 5.06
N GLY C 100 -2.10 -6.78 5.18
CA GLY C 100 -0.99 -7.09 6.05
C GLY C 100 -1.34 -7.32 7.50
N ALA C 101 -2.62 -7.31 7.86
CA ALA C 101 -3.01 -7.31 9.28
C ALA C 101 -2.51 -8.54 10.03
N THR C 102 -2.18 -9.63 9.35
CA THR C 102 -1.75 -10.85 10.03
C THR C 102 -0.46 -11.38 9.39
N VAL C 108 -7.09 -9.11 14.22
CA VAL C 108 -8.51 -9.10 14.54
C VAL C 108 -9.33 -8.58 13.36
N TRP C 109 -10.49 -9.20 13.16
CA TRP C 109 -11.42 -8.87 12.10
C TRP C 109 -12.71 -8.35 12.71
N GLY C 110 -13.39 -7.49 11.97
CA GLY C 110 -14.72 -7.04 12.36
C GLY C 110 -15.77 -8.12 12.19
N GLN C 111 -17.02 -7.72 12.45
CA GLN C 111 -18.14 -8.66 12.36
C GLN C 111 -18.47 -9.04 10.93
N GLY C 112 -18.10 -8.22 9.95
CA GLY C 112 -18.45 -8.47 8.57
C GLY C 112 -19.89 -8.07 8.29
N THR C 113 -20.25 -8.13 7.01
CA THR C 113 -21.63 -7.90 6.58
C THR C 113 -21.98 -8.94 5.52
N GLN C 114 -23.11 -9.62 5.70
CA GLN C 114 -23.46 -10.75 4.85
C GLN C 114 -24.11 -10.28 3.55
N VAL C 115 -23.67 -10.85 2.43
CA VAL C 115 -24.26 -10.63 1.12
C VAL C 115 -24.79 -11.95 0.59
N THR C 116 -26.06 -11.97 0.20
CA THR C 116 -26.69 -13.15 -0.40
C THR C 116 -27.34 -12.75 -1.70
N VAL C 117 -26.99 -13.46 -2.78
CA VAL C 117 -27.51 -13.19 -4.11
C VAL C 117 -28.32 -14.40 -4.52
N SER C 118 -29.62 -14.21 -4.70
CA SER C 118 -30.51 -15.31 -5.04
C SER C 118 -30.70 -15.48 -6.55
N VAL D 3 1.90 -9.36 -10.73
CA VAL D 3 3.27 -8.87 -10.63
C VAL D 3 4.24 -10.03 -10.78
N GLN D 4 5.41 -9.78 -11.36
CA GLN D 4 6.46 -10.79 -11.47
C GLN D 4 7.66 -10.44 -10.60
N LEU D 5 8.17 -11.49 -9.94
CA LEU D 5 9.04 -11.39 -8.77
C LEU D 5 10.25 -12.30 -8.91
N VAL D 6 11.42 -11.79 -8.55
CA VAL D 6 12.66 -12.56 -8.55
C VAL D 6 13.36 -12.32 -7.22
N GLU D 7 13.39 -13.35 -6.37
CA GLU D 7 14.06 -13.29 -5.07
C GLU D 7 15.50 -13.79 -5.17
N SER D 8 16.35 -13.23 -4.30
CA SER D 8 17.75 -13.65 -4.21
C SER D 8 18.26 -13.32 -2.82
N GLY D 9 19.43 -13.88 -2.49
CA GLY D 9 20.13 -13.55 -1.25
C GLY D 9 20.11 -14.64 -0.21
N GLY D 10 19.36 -15.71 -0.41
CA GLY D 10 19.31 -16.79 0.54
C GLY D 10 20.60 -17.58 0.59
N GLY D 11 20.67 -18.49 1.55
CA GLY D 11 21.83 -19.35 1.68
C GLY D 11 21.82 -20.11 2.98
N LEU D 12 22.91 -20.84 3.21
CA LEU D 12 23.12 -21.57 4.45
C LEU D 12 23.97 -20.73 5.39
N VAL D 13 23.50 -20.55 6.63
CA VAL D 13 24.20 -19.77 7.63
C VAL D 13 24.09 -20.47 8.98
N GLN D 14 25.04 -20.18 9.87
CA GLN D 14 25.00 -20.69 11.22
C GLN D 14 24.10 -19.83 12.08
N ALA D 15 23.49 -20.45 13.09
CA ALA D 15 22.70 -19.69 14.06
C ALA D 15 23.49 -18.50 14.56
N GLY D 16 22.82 -17.35 14.64
CA GLY D 16 23.45 -16.09 14.99
C GLY D 16 23.94 -15.29 13.80
N GLY D 17 23.94 -15.86 12.61
CA GLY D 17 24.42 -15.17 11.43
C GLY D 17 23.35 -14.28 10.84
N SER D 18 23.65 -13.75 9.66
CA SER D 18 22.81 -12.75 9.01
C SER D 18 22.77 -12.98 7.50
N LEU D 19 21.68 -12.55 6.90
CA LEU D 19 21.50 -12.58 5.44
C LEU D 19 20.72 -11.34 5.05
N ARG D 20 20.88 -10.93 3.78
CA ARG D 20 20.08 -9.85 3.21
C ARG D 20 19.43 -10.34 1.94
N LEU D 21 18.09 -10.41 1.94
CA LEU D 21 17.33 -10.86 0.79
C LEU D 21 16.90 -9.67 -0.08
N SER D 22 16.82 -9.93 -1.38
CA SER D 22 16.38 -8.94 -2.35
C SER D 22 15.25 -9.51 -3.19
N CYS D 23 14.32 -8.64 -3.59
CA CYS D 23 13.20 -9.02 -4.44
CA CYS D 23 13.25 -9.04 -4.49
C CYS D 23 13.05 -7.94 -5.51
N VAL D 24 13.34 -8.27 -6.77
CA VAL D 24 13.21 -7.33 -7.88
C VAL D 24 11.84 -7.52 -8.52
N VAL D 25 11.09 -6.43 -8.63
CA VAL D 25 9.68 -6.47 -8.99
C VAL D 25 9.48 -5.68 -10.27
N SER D 26 8.69 -6.25 -11.19
CA SER D 26 8.38 -5.58 -12.44
C SER D 26 7.33 -4.50 -12.21
N GLY D 27 7.23 -3.58 -13.17
CA GLY D 27 6.23 -2.54 -13.12
C GLY D 27 6.45 -1.59 -11.95
N SER D 28 5.35 -1.00 -11.49
CA SER D 28 5.39 0.04 -10.47
C SER D 28 4.88 -0.42 -9.11
N ALA D 29 4.83 -1.74 -8.88
CA ALA D 29 4.28 -2.25 -7.63
C ALA D 29 5.04 -1.70 -6.42
N VAL D 30 6.37 -1.64 -6.50
CA VAL D 30 7.14 -1.21 -5.33
C VAL D 30 6.84 0.24 -4.99
N SER D 31 6.61 1.08 -6.00
CA SER D 31 6.34 2.49 -5.75
C SER D 31 4.87 2.74 -5.45
N ASP D 32 3.97 1.93 -6.00
CA ASP D 32 2.54 2.21 -5.99
C ASP D 32 1.72 1.33 -5.07
N TYR D 33 2.20 0.14 -4.71
CA TYR D 33 1.43 -0.85 -3.96
C TYR D 33 2.23 -1.35 -2.76
N ALA D 34 1.50 -1.80 -1.74
CA ALA D 34 2.10 -2.39 -0.56
C ALA D 34 2.66 -3.79 -0.83
N MET D 35 3.84 -4.07 -0.28
CA MET D 35 4.56 -5.32 -0.48
C MET D 35 4.84 -6.03 0.84
N GLY D 36 5.09 -7.34 0.76
CA GLY D 36 5.45 -8.10 1.94
C GLY D 36 6.49 -9.15 1.60
N TRP D 37 7.22 -9.56 2.65
CA TRP D 37 8.04 -10.76 2.60
C TRP D 37 7.34 -11.86 3.37
N TYR D 38 7.32 -13.05 2.78
CA TYR D 38 6.64 -14.22 3.29
C TYR D 38 7.65 -15.35 3.42
N ARG D 39 7.33 -16.34 4.26
CA ARG D 39 8.16 -17.54 4.32
C ARG D 39 7.29 -18.77 4.52
N GLN D 40 7.79 -19.90 4.02
CA GLN D 40 7.09 -21.17 4.15
C GLN D 40 8.09 -22.24 4.58
N ALA D 41 7.96 -22.71 5.81
CA ALA D 41 8.79 -23.75 6.40
C ALA D 41 8.30 -25.15 6.01
N PRO D 42 9.15 -26.21 6.23
CA PRO D 42 8.82 -27.55 5.73
C PRO D 42 7.36 -27.95 5.80
N GLY D 43 6.80 -28.11 7.00
CA GLY D 43 5.43 -28.58 7.11
C GLY D 43 4.43 -27.53 7.54
N LYS D 44 4.50 -26.34 6.95
CA LYS D 44 3.58 -25.26 7.26
C LYS D 44 3.23 -24.52 5.96
N GLN D 45 2.27 -23.62 6.05
CA GLN D 45 1.86 -22.80 4.91
C GLN D 45 2.57 -21.45 4.94
N ARG D 46 2.47 -20.72 3.83
CA ARG D 46 3.11 -19.41 3.73
C ARG D 46 2.53 -18.44 4.75
N GLU D 47 3.42 -17.74 5.44
CA GLU D 47 3.06 -16.75 6.44
C GLU D 47 3.78 -15.44 6.14
N LEU D 48 3.07 -14.33 6.31
CA LEU D 48 3.67 -13.01 6.19
C LEU D 48 4.63 -12.77 7.35
N VAL D 49 5.81 -12.24 7.03
CA VAL D 49 6.83 -11.93 8.03
C VAL D 49 6.99 -10.43 8.23
N ALA D 50 6.88 -9.65 7.16
CA ALA D 50 7.11 -8.21 7.23
C ALA D 50 6.37 -7.53 6.09
N ALA D 51 5.83 -6.35 6.36
CA ALA D 51 5.01 -5.61 5.40
C ALA D 51 5.57 -4.20 5.26
N ILE D 52 5.56 -3.69 4.04
CA ILE D 52 5.94 -2.30 3.80
C ILE D 52 4.91 -1.66 2.88
N TYR D 53 4.40 -0.49 3.29
CA TYR D 53 3.38 0.23 2.56
C TYR D 53 4.03 1.33 1.74
N ASN D 54 3.31 1.81 0.74
CA ASN D 54 3.89 2.77 -0.19
C ASN D 54 4.50 3.97 0.52
N SER D 55 3.90 4.37 1.65
CA SER D 55 4.41 5.49 2.42
C SER D 55 5.76 5.21 3.03
N GLY D 56 6.15 3.94 3.16
CA GLY D 56 7.31 3.56 3.92
C GLY D 56 7.01 3.00 5.29
N ARG D 57 5.75 3.07 5.74
CA ARG D 57 5.43 2.45 7.02
C ARG D 57 5.61 0.94 6.92
N THR D 58 6.01 0.35 8.04
CA THR D 58 6.37 -1.06 8.09
C THR D 58 5.68 -1.72 9.27
N ASN D 59 5.54 -3.05 9.18
CA ASN D 59 5.07 -3.84 10.30
C ASN D 59 5.74 -5.21 10.23
N TYR D 60 5.88 -5.84 11.41
CA TYR D 60 6.62 -7.09 11.55
C TYR D 60 5.85 -8.05 12.44
N VAL D 61 5.93 -9.34 12.12
CA VAL D 61 5.44 -10.36 13.04
C VAL D 61 6.33 -10.39 14.28
N ASP D 62 5.73 -10.76 15.41
CA ASP D 62 6.43 -10.65 16.68
C ASP D 62 7.74 -11.43 16.69
N SER D 63 7.76 -12.58 16.02
CA SER D 63 8.92 -13.47 16.09
C SER D 63 10.17 -12.87 15.46
N VAL D 64 10.05 -11.85 14.62
CA VAL D 64 11.19 -11.23 13.95
C VAL D 64 11.42 -9.80 14.39
N LYS D 65 10.56 -9.24 15.24
CA LYS D 65 10.71 -7.86 15.65
C LYS D 65 12.04 -7.66 16.36
N GLY D 66 12.77 -6.63 15.95
CA GLY D 66 14.06 -6.33 16.52
C GLY D 66 15.24 -6.92 15.78
N ARG D 67 15.01 -7.91 14.93
CA ARG D 67 16.04 -8.60 14.15
C ARG D 67 15.96 -8.35 12.65
N PHE D 68 14.76 -8.31 12.10
CA PHE D 68 14.55 -8.16 10.67
C PHE D 68 14.09 -6.75 10.35
N THR D 69 14.53 -6.23 9.21
CA THR D 69 14.08 -4.94 8.70
C THR D 69 13.70 -5.09 7.24
N ILE D 70 12.49 -4.66 6.90
CA ILE D 70 12.05 -4.61 5.51
C ILE D 70 12.21 -3.18 5.01
N SER D 71 12.70 -3.05 3.77
CA SER D 71 12.91 -1.74 3.17
C SER D 71 12.71 -1.86 1.67
N LYS D 72 12.69 -0.72 0.98
CA LYS D 72 12.52 -0.77 -0.46
C LYS D 72 13.23 0.41 -1.11
N ASP D 73 13.56 0.23 -2.39
CA ASP D 73 14.15 1.25 -3.23
C ASP D 73 13.30 1.36 -4.48
N ASN D 74 12.52 2.45 -4.58
CA ASN D 74 11.60 2.62 -5.71
C ASN D 74 12.33 2.65 -7.03
N ALA D 75 13.46 3.39 -7.10
CA ALA D 75 14.17 3.50 -8.37
C ALA D 75 14.65 2.15 -8.85
N LYS D 76 15.12 1.29 -7.94
CA LYS D 76 15.60 -0.04 -8.29
C LYS D 76 14.49 -1.08 -8.31
N LYS D 77 13.25 -0.70 -8.00
CA LYS D 77 12.13 -1.64 -8.00
C LYS D 77 12.43 -2.88 -7.16
N THR D 78 13.07 -2.66 -6.01
CA THR D 78 13.54 -3.76 -5.18
C THR D 78 13.04 -3.60 -3.74
N VAL D 79 12.63 -4.73 -3.16
CA VAL D 79 12.29 -4.83 -1.74
C VAL D 79 13.35 -5.69 -1.06
N TYR D 80 13.80 -5.25 0.11
CA TYR D 80 14.85 -5.93 0.86
C TYR D 80 14.33 -6.47 2.18
N LEU D 81 14.92 -7.57 2.63
CA LEU D 81 14.72 -8.08 3.98
C LEU D 81 16.09 -8.33 4.61
N GLN D 82 16.47 -7.44 5.53
CA GLN D 82 17.69 -7.62 6.30
C GLN D 82 17.38 -8.54 7.48
N MET D 83 18.09 -9.67 7.57
CA MET D 83 17.81 -10.68 8.59
C MET D 83 19.04 -10.86 9.46
N ASN D 84 19.00 -10.35 10.68
CA ASN D 84 20.10 -10.51 11.63
C ASN D 84 19.71 -11.49 12.73
N CYS D 85 20.72 -12.00 13.44
CA CYS D 85 20.49 -12.83 14.62
C CYS D 85 19.61 -14.04 14.28
N LEU D 86 19.95 -14.70 13.17
CA LEU D 86 19.10 -15.77 12.67
C LEU D 86 19.07 -16.97 13.62
N LYS D 87 17.93 -17.63 13.63
CA LYS D 87 17.67 -18.78 14.47
C LYS D 87 17.22 -19.97 13.61
N PRO D 88 17.39 -21.20 14.11
CA PRO D 88 16.91 -22.35 13.34
C PRO D 88 15.45 -22.23 12.94
N GLU D 89 14.62 -21.63 13.79
CA GLU D 89 13.21 -21.45 13.49
C GLU D 89 12.97 -20.56 12.27
N ASP D 90 13.99 -19.83 11.81
CA ASP D 90 13.86 -18.98 10.63
C ASP D 90 14.09 -19.74 9.33
N THR D 91 14.51 -21.00 9.39
CA THR D 91 14.70 -21.79 8.18
C THR D 91 13.39 -21.91 7.41
N ALA D 92 13.42 -21.55 6.13
CA ALA D 92 12.22 -21.53 5.30
C ALA D 92 12.59 -21.05 3.91
N ASP D 93 11.65 -21.25 2.98
CA ASP D 93 11.72 -20.63 1.65
C ASP D 93 11.05 -19.27 1.74
N TYR D 94 11.76 -18.22 1.35
CA TYR D 94 11.28 -16.85 1.51
C TYR D 94 10.82 -16.27 0.18
N PHE D 95 9.68 -15.60 0.21
CA PHE D 95 9.05 -15.04 -0.98
C PHE D 95 8.61 -13.61 -0.71
N CYS D 96 8.58 -12.81 -1.77
CA CYS D 96 8.01 -11.48 -1.70
CA CYS D 96 8.02 -11.47 -1.71
C CYS D 96 6.84 -11.38 -2.66
N ASN D 97 5.89 -10.52 -2.33
CA ASN D 97 4.69 -10.36 -3.15
C ASN D 97 3.92 -9.14 -2.69
N LEU D 98 2.92 -8.78 -3.47
CA LEU D 98 1.90 -7.83 -3.03
C LEU D 98 1.24 -8.32 -1.76
N LEU D 99 1.03 -7.42 -0.81
CA LEU D 99 0.22 -7.77 0.36
C LEU D 99 -1.16 -8.26 -0.08
N GLY D 100 -1.63 -9.29 0.62
CA GLY D 100 -2.87 -9.98 0.32
C GLY D 100 -2.72 -11.17 -0.59
N ALA D 101 -1.52 -11.44 -1.09
CA ALA D 101 -1.33 -12.46 -2.12
C ALA D 101 -1.66 -13.88 -1.66
N THR D 102 -1.65 -14.16 -0.35
CA THR D 102 -1.89 -15.52 0.10
C THR D 102 -3.37 -15.83 0.19
N THR D 103 -4.22 -14.81 0.22
CA THR D 103 -5.66 -15.00 0.23
C THR D 103 -6.23 -15.15 -1.17
N MET D 104 -5.38 -15.14 -2.18
CA MET D 104 -5.79 -15.20 -3.59
C MET D 104 -5.30 -16.54 -4.13
N SER D 105 -6.23 -17.48 -4.28
CA SER D 105 -5.89 -18.82 -4.76
C SER D 105 -5.11 -18.75 -6.06
N ASN D 106 -5.36 -17.72 -6.87
CA ASN D 106 -4.77 -17.57 -8.19
C ASN D 106 -3.61 -16.59 -8.18
N ALA D 107 -2.94 -16.39 -7.05
CA ALA D 107 -1.83 -15.46 -7.01
C ALA D 107 -0.59 -16.07 -7.66
N VAL D 108 0.13 -15.26 -8.44
CA VAL D 108 1.42 -15.68 -8.99
C VAL D 108 2.50 -15.39 -7.95
N TRP D 109 3.40 -16.37 -7.76
CA TRP D 109 4.53 -16.26 -6.86
C TRP D 109 5.82 -16.46 -7.64
N GLY D 110 6.88 -15.81 -7.18
CA GLY D 110 8.20 -16.09 -7.69
C GLY D 110 8.69 -17.42 -7.13
N GLN D 111 9.93 -17.78 -7.49
CA GLN D 111 10.51 -19.03 -7.03
C GLN D 111 10.98 -18.98 -5.59
N GLY D 112 11.16 -17.81 -5.02
CA GLY D 112 11.65 -17.69 -3.65
C GLY D 112 13.15 -17.87 -3.56
N THR D 113 13.66 -17.68 -2.34
CA THR D 113 15.06 -17.93 -2.02
C THR D 113 15.14 -18.68 -0.71
N GLN D 114 15.91 -19.78 -0.69
CA GLN D 114 15.95 -20.66 0.47
C GLN D 114 16.89 -20.12 1.54
N VAL D 115 16.43 -20.11 2.79
CA VAL D 115 17.25 -19.75 3.94
C VAL D 115 17.32 -20.96 4.86
N THR D 116 18.52 -21.41 5.18
CA THR D 116 18.72 -22.54 6.08
C THR D 116 19.66 -22.10 7.20
N VAL D 117 19.22 -22.23 8.44
CA VAL D 117 19.98 -21.81 9.61
C VAL D 117 20.32 -23.05 10.42
N SER D 118 21.61 -23.36 10.52
CA SER D 118 22.04 -24.57 11.20
C SER D 118 22.34 -24.34 12.68
HG HG E . -25.89 -5.21 -14.22
HG HG F . 23.02 -11.24 16.67
#